data_6NZV
#
_entry.id   6NZV
#
_cell.length_a   55.253
_cell.length_b   58.959
_cell.length_c   59.925
_cell.angle_alpha   90.00
_cell.angle_beta   90.00
_cell.angle_gamma   90.00
#
_symmetry.space_group_name_H-M   'P 21 21 21'
#
loop_
_entity.id
_entity.type
_entity.pdbx_description
1 polymer 'HCV NS3/4A protease'
2 non-polymer (1aR,5S,8S,9S,10R,22aR)-5-tert-butyl-N-[(1R,2R)-2-(difluoromethyl)-1-{[(1-methylcyclopropyl)sulfonyl]carbamoyl}cyclopropyl]-9-ethyl-14-methoxy-3,6-dioxo-1,1a,3,4,5,6,9,10,18,19,20,21,22,22a-tetradecahydro-8H-7,10-methanocyclopropa[18,19][1,10,3,6]dioxadiazacyclononadecino[11,12-b]quinoxaline-8-carboxamide
3 non-polymer 'ZINC ION'
4 non-polymer 'SULFATE ION'
5 water water
#
_entity_poly.entity_id   1
_entity_poly.type   'polypeptide(L)'
_entity_poly.pdbx_seq_one_letter_code
;GSHMASMKKKGSVVIVGRINLSGDTAYAQQTRGEEGCQETSQTGRDKNQVEGEVQIVSTATQTFLATSINGVLWTVYHGA
GTRTIASPKGPVTQMYTNVDKDLVGWQAPQGSRSLTPCTCGSSDLYLVTRHADVIPVRRRGDSRGSLLSPRPISYLKGSS
GGPLLCPAGHAVGIFRAAVSTRGVAKAVQFIPVESLETTMRSP
;
_entity_poly.pdbx_strand_id   A
#
# COMPACT_ATOMS: atom_id res chain seq x y z
N LYS A 10 -1.09 3.05 21.73
CA LYS A 10 -0.20 3.02 20.58
C LYS A 10 -0.47 4.23 19.70
N GLY A 11 0.55 4.63 18.97
CA GLY A 11 0.42 5.80 18.12
C GLY A 11 -0.37 5.51 16.87
N SER A 12 -0.61 6.57 16.11
CA SER A 12 -1.27 6.46 14.83
C SER A 12 -0.29 6.08 13.73
N VAL A 13 -0.82 5.46 12.67
CA VAL A 13 -0.10 5.37 11.42
C VAL A 13 0.04 6.77 10.85
N VAL A 14 1.20 7.07 10.27
CA VAL A 14 1.52 8.40 9.74
C VAL A 14 1.97 8.27 8.28
N ILE A 15 1.38 9.11 7.41
CA ILE A 15 1.87 9.21 6.03
C ILE A 15 3.19 9.98 6.03
N VAL A 16 4.25 9.33 5.54
CA VAL A 16 5.59 9.95 5.52
C VAL A 16 6.11 10.19 4.12
N GLY A 17 5.38 9.77 3.10
CA GLY A 17 5.80 10.04 1.74
C GLY A 17 4.79 9.45 0.77
N ARG A 18 5.18 9.40 -0.50
CA ARG A 18 4.31 8.86 -1.52
C ARG A 18 5.14 8.34 -2.68
N ILE A 19 4.51 7.50 -3.50
CA ILE A 19 5.10 7.06 -4.77
C ILE A 19 4.43 7.86 -5.86
N ASN A 20 5.23 8.65 -6.58
CA ASN A 20 4.72 9.51 -7.63
C ASN A 20 4.64 8.69 -8.90
N LEU A 21 3.42 8.52 -9.42
CA LEU A 21 3.16 7.76 -10.64
C LEU A 21 2.55 8.64 -11.73
N SER A 22 2.54 9.95 -11.53
CA SER A 22 1.74 10.84 -12.37
C SER A 22 2.34 11.07 -13.75
N GLY A 23 3.67 10.99 -13.86
CA GLY A 23 4.35 11.28 -15.11
C GLY A 23 4.79 10.04 -15.84
N ASP A 24 5.92 10.15 -16.53
CA ASP A 24 6.54 9.02 -17.22
C ASP A 24 7.55 8.29 -16.35
N THR A 25 7.96 8.88 -15.23
CA THR A 25 8.95 8.29 -14.35
C THR A 25 8.35 8.13 -12.96
N ALA A 26 8.42 6.92 -12.42
CA ALA A 26 7.98 6.66 -11.06
C ALA A 26 9.12 6.96 -10.08
N TYR A 27 8.80 7.67 -8.99
CA TYR A 27 9.83 7.94 -8.00
C TYR A 27 9.18 8.16 -6.63
N ALA A 28 9.94 7.84 -5.58
CA ALA A 28 9.48 8.04 -4.22
C ALA A 28 9.78 9.47 -3.78
N GLN A 29 8.86 10.03 -3.00
CA GLN A 29 9.02 11.34 -2.39
C GLN A 29 8.81 11.21 -0.89
N GLN A 30 9.71 11.77 -0.10
CA GLN A 30 9.46 11.84 1.33
C GLN A 30 8.77 13.16 1.64
N THR A 31 7.75 13.10 2.51
CA THR A 31 7.04 14.30 2.93
C THR A 31 7.18 14.59 4.41
N ARG A 32 7.71 13.65 5.20
CA ARG A 32 7.94 13.88 6.62
C ARG A 32 9.11 13.03 7.08
N GLY A 33 10.04 13.65 7.83
CA GLY A 33 11.16 12.94 8.41
C GLY A 33 10.83 12.24 9.72
N GLU A 34 11.84 11.56 10.27
CA GLU A 34 11.61 10.61 11.36
C GLU A 34 11.11 11.30 12.64
N GLU A 35 11.70 12.45 13.00
CA GLU A 35 11.28 13.12 14.21
C GLU A 35 9.84 13.63 14.09
N GLY A 36 9.51 14.24 12.95
CA GLY A 36 8.14 14.68 12.74
C GLY A 36 7.17 13.51 12.69
N CYS A 37 7.62 12.38 12.14
CA CYS A 37 6.78 11.19 12.15
C CYS A 37 6.46 10.75 13.57
N GLN A 38 7.49 10.67 14.43
CA GLN A 38 7.26 10.26 15.81
C GLN A 38 6.28 11.17 16.52
N GLU A 39 6.43 12.49 16.36
CA GLU A 39 5.51 13.42 17.02
C GLU A 39 4.10 13.27 16.47
N THR A 40 3.97 13.16 15.15
CA THR A 40 2.67 13.04 14.52
C THR A 40 1.98 11.73 14.90
N SER A 41 2.75 10.66 15.10
CA SER A 41 2.14 9.41 15.54
C SER A 41 1.52 9.57 16.93
N GLN A 42 2.18 10.32 17.81
CA GLN A 42 1.68 10.47 19.17
C GLN A 42 0.43 11.35 19.22
N THR A 43 0.42 12.47 18.50
CA THR A 43 -0.74 13.36 18.52
C THR A 43 -1.85 12.90 17.60
N GLY A 44 -1.52 12.20 16.51
CA GLY A 44 -2.51 11.88 15.51
C GLY A 44 -2.90 13.04 14.63
N ARG A 45 -2.22 14.17 14.74
CA ARG A 45 -2.58 15.38 14.01
C ARG A 45 -1.55 15.60 12.92
N ASP A 46 -1.96 15.42 11.67
CA ASP A 46 -1.08 15.55 10.50
C ASP A 46 -1.68 16.59 9.56
N LYS A 47 -1.07 17.77 9.51
CA LYS A 47 -1.57 18.84 8.66
C LYS A 47 -0.96 18.84 7.25
N ASN A 48 -0.05 17.92 6.96
CA ASN A 48 0.59 17.91 5.65
C ASN A 48 -0.42 17.64 4.55
N GLN A 49 -0.19 18.24 3.39
CA GLN A 49 -1.00 17.94 2.22
C GLN A 49 -0.69 16.54 1.71
N VAL A 50 -1.73 15.81 1.35
CA VAL A 50 -1.60 14.47 0.79
C VAL A 50 -1.88 14.55 -0.70
N GLU A 51 -1.10 13.82 -1.49
CA GLU A 51 -1.33 13.70 -2.91
C GLU A 51 -1.10 12.26 -3.34
N GLY A 52 -1.70 11.88 -4.46
CA GLY A 52 -1.37 10.63 -5.10
C GLY A 52 -2.15 9.43 -4.59
N GLU A 53 -1.82 8.28 -5.17
CA GLU A 53 -2.55 7.03 -4.96
C GLU A 53 -1.86 6.11 -3.96
N VAL A 54 -0.54 6.09 -3.93
CA VAL A 54 0.23 5.17 -3.09
C VAL A 54 0.98 6.00 -2.07
N GLN A 55 0.69 5.78 -0.78
CA GLN A 55 1.34 6.48 0.32
C GLN A 55 2.38 5.58 0.97
N ILE A 56 3.48 6.18 1.40
CA ILE A 56 4.43 5.52 2.29
C ILE A 56 4.01 5.86 3.71
N VAL A 57 3.82 4.84 4.54
CA VAL A 57 3.31 5.05 5.90
C VAL A 57 4.26 4.42 6.92
N SER A 58 4.16 4.91 8.15
CA SER A 58 5.04 4.42 9.22
C SER A 58 4.30 4.41 10.54
N THR A 59 4.70 3.47 11.39
CA THR A 59 4.40 3.50 12.82
C THR A 59 5.70 3.79 13.55
N ALA A 60 5.67 3.69 14.88
CA ALA A 60 6.91 3.84 15.63
C ALA A 60 7.91 2.75 15.27
N THR A 61 7.42 1.59 14.82
CA THR A 61 8.26 0.42 14.67
C THR A 61 8.34 -0.14 13.27
N GLN A 62 7.44 0.24 12.35
CA GLN A 62 7.45 -0.37 11.01
C GLN A 62 7.18 0.69 9.96
N THR A 63 7.59 0.40 8.72
CA THR A 63 7.20 1.23 7.60
C THR A 63 6.78 0.34 6.45
N PHE A 64 5.75 0.79 5.72
CA PHE A 64 5.12 -0.03 4.68
C PHE A 64 4.33 0.94 3.78
N LEU A 65 3.43 0.41 2.96
CA LEU A 65 2.70 1.23 1.99
C LEU A 65 1.20 1.16 2.27
N ALA A 66 0.48 2.13 1.68
CA ALA A 66 -0.97 2.13 1.72
C ALA A 66 -1.47 2.67 0.40
N THR A 67 -2.58 2.12 -0.09
CA THR A 67 -3.04 2.39 -1.45
C THR A 67 -4.50 2.82 -1.43
N SER A 68 -4.84 3.92 -2.11
CA SER A 68 -6.21 4.40 -2.18
CA SER A 68 -6.22 4.39 -2.18
C SER A 68 -6.93 3.73 -3.35
N ILE A 69 -8.03 3.04 -3.06
CA ILE A 69 -8.89 2.43 -4.08
C ILE A 69 -10.33 2.73 -3.69
N ASN A 70 -11.09 3.34 -4.62
CA ASN A 70 -12.51 3.66 -4.41
C ASN A 70 -12.74 4.44 -3.11
N GLY A 71 -11.88 5.42 -2.85
CA GLY A 71 -12.11 6.33 -1.74
C GLY A 71 -11.73 5.79 -0.38
N VAL A 72 -11.03 4.65 -0.32
CA VAL A 72 -10.55 4.04 0.92
C VAL A 72 -9.04 3.91 0.80
N LEU A 73 -8.31 4.31 1.84
CA LEU A 73 -6.87 4.06 1.91
C LEU A 73 -6.67 2.71 2.60
N TRP A 74 -6.17 1.73 1.84
CA TRP A 74 -6.04 0.35 2.29
C TRP A 74 -4.59 0.04 2.65
N THR A 75 -4.42 -0.84 3.63
CA THR A 75 -3.10 -1.40 3.90
C THR A 75 -3.27 -2.74 4.60
N VAL A 76 -2.16 -3.31 5.06
CA VAL A 76 -2.16 -4.62 5.68
C VAL A 76 -2.31 -4.52 7.19
N TYR A 77 -3.05 -5.48 7.75
CA TYR A 77 -3.19 -5.56 9.21
C TYR A 77 -1.84 -5.84 9.89
N HIS A 78 -0.95 -6.60 9.23
CA HIS A 78 0.31 -6.91 9.89
C HIS A 78 1.25 -5.70 9.97
N GLY A 79 0.93 -4.60 9.29
CA GLY A 79 1.63 -3.35 9.47
C GLY A 79 0.88 -2.43 10.42
N ALA A 80 -0.42 -2.23 10.20
CA ALA A 80 -1.17 -1.20 10.91
C ALA A 80 -1.88 -1.69 12.16
N GLY A 81 -2.10 -2.99 12.30
CA GLY A 81 -2.97 -3.46 13.38
C GLY A 81 -4.30 -2.74 13.34
N THR A 82 -4.84 -2.42 14.52
CA THR A 82 -6.09 -1.67 14.64
C THR A 82 -5.86 -0.16 14.75
N ARG A 83 -4.69 0.33 14.37
CA ARG A 83 -4.32 1.71 14.66
C ARG A 83 -5.17 2.72 13.89
N THR A 84 -5.37 3.89 14.51
CA THR A 84 -5.86 5.07 13.80
C THR A 84 -4.80 5.56 12.82
N ILE A 85 -5.23 6.42 11.89
CA ILE A 85 -4.30 7.14 11.01
C ILE A 85 -4.35 8.63 11.37
N ALA A 86 -3.18 9.27 11.33
CA ALA A 86 -3.11 10.69 11.63
C ALA A 86 -3.72 11.51 10.49
N SER A 87 -4.39 12.61 10.85
CA SER A 87 -5.13 13.40 9.88
C SER A 87 -5.15 14.85 10.38
N PRO A 88 -5.55 15.80 9.53
CA PRO A 88 -5.54 17.21 9.97
C PRO A 88 -6.42 17.49 11.17
N LYS A 89 -7.46 16.68 11.41
CA LYS A 89 -8.36 16.88 12.53
C LYS A 89 -8.10 15.92 13.69
N GLY A 90 -7.00 15.17 13.65
CA GLY A 90 -6.70 14.20 14.67
C GLY A 90 -6.83 12.78 14.17
N PRO A 91 -6.69 11.82 15.08
CA PRO A 91 -6.73 10.40 14.69
C PRO A 91 -8.06 10.00 14.07
N VAL A 92 -7.97 9.22 12.99
CA VAL A 92 -9.14 8.71 12.28
C VAL A 92 -9.17 7.19 12.47
N THR A 93 -10.30 6.69 12.96
CA THR A 93 -10.48 5.26 13.22
C THR A 93 -10.68 4.48 11.93
N GLN A 94 -10.17 3.25 11.90
CA GLN A 94 -10.38 2.38 10.74
C GLN A 94 -11.86 2.23 10.42
N MET A 95 -12.15 2.26 9.12
CA MET A 95 -13.46 1.99 8.55
C MET A 95 -13.65 0.51 8.23
N TYR A 96 -12.57 -0.19 7.94
CA TYR A 96 -12.56 -1.62 7.68
C TYR A 96 -11.40 -2.25 8.44
N THR A 97 -11.67 -3.40 9.07
CA THR A 97 -10.63 -4.21 9.69
C THR A 97 -10.98 -5.66 9.42
N ASN A 98 -10.05 -6.40 8.80
CA ASN A 98 -10.28 -7.82 8.56
C ASN A 98 -8.95 -8.57 8.71
N VAL A 99 -8.71 -9.06 9.93
CA VAL A 99 -7.50 -9.81 10.23
C VAL A 99 -7.40 -11.07 9.37
N ASP A 100 -8.54 -11.65 9.00
CA ASP A 100 -8.54 -12.90 8.22
C ASP A 100 -8.02 -12.67 6.81
N LYS A 101 -8.14 -11.45 6.29
CA LYS A 101 -7.59 -11.08 4.98
C LYS A 101 -6.30 -10.28 5.11
N ASP A 102 -5.84 -10.01 6.33
CA ASP A 102 -4.69 -9.14 6.55
C ASP A 102 -4.93 -7.74 5.98
N LEU A 103 -6.14 -7.20 6.20
CA LEU A 103 -6.59 -6.01 5.48
C LEU A 103 -7.17 -5.00 6.45
N VAL A 104 -6.80 -3.73 6.30
CA VAL A 104 -7.48 -2.64 6.99
C VAL A 104 -7.66 -1.50 6.02
N GLY A 105 -8.57 -0.60 6.36
CA GLY A 105 -8.80 0.57 5.54
C GLY A 105 -9.33 1.73 6.35
N TRP A 106 -8.95 2.93 5.94
CA TRP A 106 -9.48 4.19 6.44
C TRP A 106 -10.09 5.00 5.29
N GLN A 107 -10.99 5.92 5.63
CA GLN A 107 -11.44 6.88 4.64
C GLN A 107 -10.23 7.56 3.99
N ALA A 108 -10.26 7.66 2.67
CA ALA A 108 -9.09 8.19 1.97
C ALA A 108 -8.85 9.65 2.34
N PRO A 109 -7.62 10.06 2.62
CA PRO A 109 -7.36 11.45 3.02
C PRO A 109 -7.69 12.44 1.92
N GLN A 110 -8.16 13.62 2.33
CA GLN A 110 -8.41 14.68 1.37
C GLN A 110 -7.15 15.02 0.60
N GLY A 111 -7.26 15.09 -0.72
CA GLY A 111 -6.12 15.33 -1.58
C GLY A 111 -5.57 14.09 -2.25
N SER A 112 -5.82 12.92 -1.66
CA SER A 112 -5.41 11.69 -2.31
C SER A 112 -6.23 11.45 -3.58
N ARG A 113 -5.68 10.62 -4.45
CA ARG A 113 -6.36 10.15 -5.64
C ARG A 113 -6.51 8.64 -5.51
N SER A 114 -7.65 8.12 -5.96
CA SER A 114 -7.93 6.69 -5.85
C SER A 114 -7.69 5.98 -7.16
N LEU A 115 -7.13 4.78 -7.08
CA LEU A 115 -7.17 3.85 -8.18
C LEU A 115 -8.59 3.30 -8.33
N THR A 116 -8.91 2.84 -9.54
CA THR A 116 -10.13 2.16 -9.94
C THR A 116 -9.89 0.66 -9.96
N PRO A 117 -10.82 -0.16 -9.46
CA PRO A 117 -10.62 -1.61 -9.54
C PRO A 117 -10.55 -2.08 -10.99
N CYS A 118 -9.62 -3.00 -11.24
CA CYS A 118 -9.47 -3.57 -12.57
C CYS A 118 -10.69 -4.40 -12.95
N THR A 119 -11.17 -4.24 -14.19
CA THR A 119 -12.25 -5.07 -14.71
C THR A 119 -11.85 -5.82 -15.97
N CYS A 120 -10.58 -5.77 -16.37
CA CYS A 120 -10.21 -6.31 -17.67
C CYS A 120 -9.74 -7.76 -17.65
N GLY A 121 -9.49 -8.33 -16.47
CA GLY A 121 -9.09 -9.73 -16.40
C GLY A 121 -7.68 -10.05 -16.87
N SER A 122 -6.81 -9.05 -17.02
CA SER A 122 -5.47 -9.29 -17.52
C SER A 122 -4.64 -10.03 -16.48
N SER A 123 -3.76 -10.91 -16.94
CA SER A 123 -2.83 -11.58 -16.05
C SER A 123 -1.44 -10.98 -16.10
N ASP A 124 -1.25 -9.88 -16.83
CA ASP A 124 0.05 -9.19 -16.87
C ASP A 124 -0.02 -8.02 -15.89
N LEU A 125 0.63 -8.17 -14.75
CA LEU A 125 0.52 -7.24 -13.64
C LEU A 125 1.84 -6.52 -13.37
N TYR A 126 1.75 -5.50 -12.53
CA TYR A 126 2.90 -4.65 -12.19
C TYR A 126 2.81 -4.32 -10.72
N LEU A 127 3.84 -4.68 -9.96
CA LEU A 127 3.90 -4.39 -8.53
C LEU A 127 4.69 -3.11 -8.30
N VAL A 128 4.12 -2.19 -7.53
CA VAL A 128 4.78 -0.92 -7.22
C VAL A 128 5.37 -1.01 -5.82
N THR A 129 6.69 -0.81 -5.71
CA THR A 129 7.34 -0.92 -4.40
C THR A 129 7.55 0.45 -3.78
N ARG A 130 7.96 0.43 -2.50
CA ARG A 130 8.22 1.66 -1.77
C ARG A 130 9.41 2.43 -2.32
N HIS A 131 10.23 1.79 -3.16
CA HIS A 131 11.34 2.45 -3.85
C HIS A 131 10.95 2.91 -5.24
N ALA A 132 9.67 2.82 -5.57
CA ALA A 132 9.10 3.18 -6.86
C ALA A 132 9.60 2.28 -7.99
N ASP A 133 10.05 1.07 -7.66
CA ASP A 133 10.25 0.06 -8.68
C ASP A 133 8.88 -0.40 -9.17
N VAL A 134 8.78 -0.61 -10.46
CA VAL A 134 7.58 -1.13 -11.10
C VAL A 134 7.95 -2.49 -11.64
N ILE A 135 7.54 -3.54 -10.95
CA ILE A 135 8.06 -4.90 -11.13
C ILE A 135 7.02 -5.72 -11.89
N PRO A 136 7.33 -6.20 -13.09
CA PRO A 136 6.37 -7.05 -13.82
C PRO A 136 6.14 -8.37 -13.10
N VAL A 137 4.86 -8.75 -13.00
CA VAL A 137 4.41 -9.95 -12.30
C VAL A 137 3.38 -10.64 -13.19
N ARG A 138 3.58 -11.93 -13.45
CA ARG A 138 2.56 -12.70 -14.16
C ARG A 138 1.60 -13.29 -13.14
N ARG A 139 0.30 -13.00 -13.30
CA ARG A 139 -0.67 -13.57 -12.37
C ARG A 139 -0.71 -15.08 -12.52
N ARG A 140 -0.69 -15.78 -11.39
CA ARG A 140 -0.68 -17.23 -11.38
C ARG A 140 -1.84 -17.86 -10.63
N GLY A 141 -2.67 -17.06 -9.97
CA GLY A 141 -3.88 -17.56 -9.34
C GLY A 141 -4.67 -16.39 -8.84
N ASP A 142 -5.75 -16.67 -8.10
CA ASP A 142 -6.55 -15.59 -7.54
C ASP A 142 -5.71 -14.67 -6.64
N SER A 143 -4.70 -15.20 -5.94
CA SER A 143 -4.00 -14.37 -4.97
C SER A 143 -2.48 -14.46 -5.12
N ARG A 144 -1.97 -14.92 -6.26
CA ARG A 144 -0.54 -15.14 -6.42
C ARG A 144 -0.08 -14.68 -7.80
N GLY A 145 1.17 -14.24 -7.86
CA GLY A 145 1.81 -13.95 -9.14
C GLY A 145 3.30 -14.17 -9.04
N SER A 146 3.93 -14.49 -10.18
CA SER A 146 5.36 -14.74 -10.21
C SER A 146 6.12 -13.52 -10.73
N LEU A 147 7.27 -13.24 -10.11
CA LEU A 147 8.14 -12.19 -10.62
C LEU A 147 8.75 -12.63 -11.93
N LEU A 148 8.72 -11.78 -12.95
CA LEU A 148 9.41 -12.14 -14.17
C LEU A 148 10.90 -12.19 -13.94
N SER A 149 11.41 -11.33 -13.06
CA SER A 149 12.81 -11.32 -12.66
C SER A 149 12.89 -11.42 -11.15
N PRO A 150 13.09 -12.61 -10.61
CA PRO A 150 13.27 -12.76 -9.16
C PRO A 150 14.40 -11.90 -8.63
N ARG A 151 14.33 -11.58 -7.35
CA ARG A 151 15.34 -10.74 -6.73
C ARG A 151 15.32 -10.98 -5.25
N PRO A 152 16.38 -10.59 -4.53
CA PRO A 152 16.40 -10.77 -3.08
C PRO A 152 15.18 -10.14 -2.43
N ILE A 153 14.65 -10.84 -1.42
CA ILE A 153 13.43 -10.41 -0.73
C ILE A 153 13.60 -9.03 -0.10
N SER A 154 14.84 -8.62 0.18
CA SER A 154 15.09 -7.27 0.69
C SER A 154 14.47 -6.20 -0.20
N TYR A 155 14.40 -6.45 -1.52
CA TYR A 155 13.86 -5.43 -2.42
C TYR A 155 12.36 -5.26 -2.25
N LEU A 156 11.69 -6.24 -1.65
CA LEU A 156 10.25 -6.17 -1.46
C LEU A 156 9.87 -5.83 -0.03
N LYS A 157 10.81 -5.94 0.91
CA LYS A 157 10.52 -5.63 2.30
C LYS A 157 10.05 -4.19 2.44
N GLY A 158 8.97 -3.99 3.19
CA GLY A 158 8.43 -2.66 3.37
C GLY A 158 7.46 -2.22 2.30
N SER A 159 7.10 -3.11 1.37
CA SER A 159 6.19 -2.74 0.30
C SER A 159 4.83 -3.38 0.45
N SER A 160 4.59 -4.13 1.54
CA SER A 160 3.23 -4.60 1.78
C SER A 160 2.29 -3.41 1.86
N GLY A 161 1.07 -3.61 1.37
CA GLY A 161 0.14 -2.53 1.26
C GLY A 161 0.19 -1.80 -0.07
N GLY A 162 1.21 -2.04 -0.89
CA GLY A 162 1.34 -1.47 -2.21
C GLY A 162 0.46 -2.17 -3.24
N PRO A 163 0.26 -1.54 -4.38
CA PRO A 163 -0.64 -2.10 -5.39
C PRO A 163 0.03 -3.04 -6.39
N LEU A 164 -0.76 -4.02 -6.84
CA LEU A 164 -0.54 -4.67 -8.13
C LEU A 164 -1.52 -4.05 -9.12
N LEU A 165 -0.99 -3.60 -10.25
CA LEU A 165 -1.75 -2.89 -11.28
C LEU A 165 -1.78 -3.71 -12.57
N CYS A 166 -2.84 -3.53 -13.35
CA CYS A 166 -2.94 -4.14 -14.68
C CYS A 166 -2.29 -3.23 -15.70
N PRO A 167 -2.21 -3.62 -16.98
CA PRO A 167 -1.56 -2.75 -17.96
C PRO A 167 -2.24 -1.40 -18.13
N ALA A 168 -3.53 -1.29 -17.79
CA ALA A 168 -4.26 -0.03 -17.87
C ALA A 168 -4.15 0.78 -16.58
N GLY A 169 -3.34 0.34 -15.62
CA GLY A 169 -3.14 1.09 -14.39
C GLY A 169 -4.26 0.98 -13.38
N HIS A 170 -5.13 -0.02 -13.50
CA HIS A 170 -6.18 -0.22 -12.53
C HIS A 170 -5.70 -1.20 -11.45
N ALA A 171 -6.34 -1.13 -10.29
CA ALA A 171 -5.91 -1.92 -9.14
C ALA A 171 -6.38 -3.36 -9.26
N VAL A 172 -5.44 -4.30 -9.19
CA VAL A 172 -5.73 -5.73 -9.21
C VAL A 172 -5.62 -6.34 -7.82
N GLY A 173 -4.74 -5.80 -6.98
CA GLY A 173 -4.63 -6.35 -5.64
C GLY A 173 -3.72 -5.51 -4.76
N ILE A 174 -3.67 -5.89 -3.49
CA ILE A 174 -2.79 -5.27 -2.48
C ILE A 174 -1.73 -6.30 -2.08
N PHE A 175 -0.44 -5.93 -2.22
CA PHE A 175 0.67 -6.83 -1.89
C PHE A 175 0.65 -7.18 -0.41
N ARG A 176 0.65 -8.49 -0.11
CA ARG A 176 0.50 -9.00 1.25
C ARG A 176 1.71 -9.79 1.76
N ALA A 177 2.28 -10.66 0.93
CA ALA A 177 3.31 -11.59 1.38
C ALA A 177 4.16 -12.02 0.19
N ALA A 178 5.37 -12.51 0.47
CA ALA A 178 6.28 -12.92 -0.59
C ALA A 178 6.60 -14.39 -0.44
N VAL A 179 6.73 -15.06 -1.58
CA VAL A 179 7.13 -16.46 -1.64
C VAL A 179 8.63 -16.46 -1.89
N SER A 180 9.39 -16.90 -0.88
CA SER A 180 10.84 -16.76 -0.87
C SER A 180 11.50 -18.12 -0.68
N THR A 181 12.50 -18.40 -1.52
CA THR A 181 13.32 -19.61 -1.41
C THR A 181 14.78 -19.17 -1.29
N ARG A 182 15.39 -19.46 -0.15
CA ARG A 182 16.78 -19.09 0.13
C ARG A 182 16.99 -17.59 -0.02
N GLY A 183 16.03 -16.81 0.48
CA GLY A 183 16.12 -15.36 0.44
C GLY A 183 15.77 -14.71 -0.88
N VAL A 184 15.45 -15.49 -1.92
CA VAL A 184 15.10 -14.94 -3.22
C VAL A 184 13.60 -14.96 -3.36
N ALA A 185 13.01 -13.81 -3.66
CA ALA A 185 11.58 -13.72 -3.89
C ALA A 185 11.29 -14.15 -5.33
N LYS A 186 10.55 -15.24 -5.49
CA LYS A 186 10.15 -15.68 -6.82
C LYS A 186 8.70 -15.35 -7.14
N ALA A 187 7.88 -15.12 -6.12
CA ALA A 187 6.47 -14.88 -6.34
C ALA A 187 5.95 -13.98 -5.24
N VAL A 188 4.79 -13.39 -5.49
CA VAL A 188 4.14 -12.56 -4.49
C VAL A 188 2.73 -13.07 -4.26
N GLN A 189 2.21 -12.77 -3.09
CA GLN A 189 0.88 -13.12 -2.69
C GLN A 189 0.15 -11.84 -2.34
N PHE A 190 -1.09 -11.71 -2.79
CA PHE A 190 -1.75 -10.43 -2.65
C PHE A 190 -3.23 -10.63 -2.31
N ILE A 191 -3.84 -9.56 -1.79
CA ILE A 191 -5.27 -9.47 -1.54
C ILE A 191 -5.95 -9.05 -2.83
N PRO A 192 -6.79 -9.87 -3.45
CA PRO A 192 -7.41 -9.46 -4.72
C PRO A 192 -8.35 -8.28 -4.50
N VAL A 193 -8.41 -7.40 -5.51
CA VAL A 193 -9.24 -6.20 -5.37
C VAL A 193 -10.70 -6.59 -5.16
N GLU A 194 -11.12 -7.76 -5.64
CA GLU A 194 -12.50 -8.19 -5.44
C GLU A 194 -12.81 -8.41 -3.97
N SER A 195 -11.81 -8.82 -3.18
CA SER A 195 -12.02 -8.94 -1.74
C SER A 195 -12.26 -7.59 -1.11
N LEU A 196 -11.55 -6.56 -1.60
CA LEU A 196 -11.80 -5.19 -1.17
C LEU A 196 -13.19 -4.74 -1.58
N GLU A 197 -13.57 -5.01 -2.83
CA GLU A 197 -14.89 -4.60 -3.31
C GLU A 197 -16.00 -5.25 -2.50
N THR A 198 -15.83 -6.52 -2.12
CA THR A 198 -16.82 -7.18 -1.28
C THR A 198 -16.85 -6.53 0.11
N THR A 199 -15.68 -6.30 0.69
CA THR A 199 -15.59 -5.59 1.97
C THR A 199 -16.37 -4.28 1.94
N MET A 200 -16.27 -3.53 0.84
CA MET A 200 -16.96 -2.25 0.67
C MET A 200 -18.46 -2.46 0.55
#